data_2JXS
#
_entry.id   2JXS
#
loop_
_entity.id
_entity.type
_entity.pdbx_description
1 polymer "5'-R(*GP*CP*AP*GP*AP*AP*GP*AP*GP*CP*G)-3'"
2 polymer "5'-R(*CP*GP*CP*UP*CP*UP*CP*UP*GP*C)-3'"
#
loop_
_entity_poly.entity_id
_entity_poly.type
_entity_poly.pdbx_seq_one_letter_code
_entity_poly.pdbx_strand_id
1 'polyribonucleotide' GCAGAAGAGCG A
2 'polyribonucleotide' CGCUCUCUGC B
#